data_7XPK
#
_entry.id   7XPK
#
_cell.length_a   59.715
_cell.length_b   72.939
_cell.length_c   76.581
_cell.angle_alpha   90.00
_cell.angle_beta   90.00
_cell.angle_gamma   90.00
#
_symmetry.space_group_name_H-M   'P 21 21 21'
#
loop_
_entity.id
_entity.type
_entity.pdbx_description
1 polymer 'BAH domain-containing protein'
2 polymer 'Alpha-aminoacylpeptide hydrolase'
3 water water
#
loop_
_entity_poly.entity_id
_entity_poly.type
_entity_poly.pdbx_seq_one_letter_code
_entity_poly.pdbx_strand_id
1 'polypeptide(L)'
;GGIKMDTQFYDSFTFDNVKYSLYDNVYLFKSGESEPYIGKIIKIWQQNQAKKVKILWFFLPDEIRKHLSGPVMEKEIFLA
CGEGVGLADINPLEAIGGKCTVLCISKDERNRQPSPRELAMADYIFYRFFDVNSCTLSEQLPEKIAGVEGNLLLNSKVE
;
A,C
2 'polypeptide(L)' PPKRRAISAIRKFPRDCG B,D
#
# COMPACT_ATOMS: atom_id res chain seq x y z
N GLY A 1 -23.97 -18.43 1.37
CA GLY A 1 -22.83 -17.83 0.71
C GLY A 1 -21.49 -18.24 1.31
N GLY A 2 -21.19 -17.72 2.50
CA GLY A 2 -19.96 -18.03 3.18
C GLY A 2 -18.83 -17.06 2.90
N ILE A 3 -18.02 -16.76 3.92
CA ILE A 3 -16.90 -15.83 3.78
C ILE A 3 -15.60 -16.61 3.97
N LYS A 4 -14.62 -16.32 3.11
CA LYS A 4 -13.29 -16.91 3.23
C LYS A 4 -12.28 -15.78 2.98
N MET A 5 -11.59 -15.37 4.05
CA MET A 5 -10.53 -14.37 3.89
C MET A 5 -9.27 -15.02 3.34
N ASP A 6 -8.54 -14.25 2.52
CA ASP A 6 -7.26 -14.70 1.99
C ASP A 6 -6.13 -14.29 2.94
N THR A 7 -4.91 -14.12 2.41
CA THR A 7 -3.73 -13.98 3.27
C THR A 7 -3.86 -12.79 4.22
N GLN A 8 -3.48 -13.01 5.47
CA GLN A 8 -3.44 -11.92 6.44
C GLN A 8 -2.13 -11.16 6.24
N PHE A 9 -2.24 -9.85 6.08
CA PHE A 9 -1.09 -8.97 6.00
C PHE A 9 -1.06 -8.05 7.22
N TYR A 10 0.11 -7.46 7.47
CA TYR A 10 0.29 -6.66 8.65
C TYR A 10 1.07 -5.39 8.32
N ASP A 11 0.82 -4.35 9.11
CA ASP A 11 1.59 -3.12 9.06
C ASP A 11 2.61 -3.02 10.19
N SER A 12 2.42 -3.77 11.27
CA SER A 12 3.30 -3.66 12.43
C SER A 12 3.18 -4.90 13.29
N PHE A 13 4.19 -5.09 14.13
CA PHE A 13 4.18 -6.18 15.10
C PHE A 13 5.20 -5.84 16.17
N THR A 14 5.13 -6.55 17.29
CA THR A 14 6.15 -6.45 18.33
C THR A 14 6.87 -7.78 18.44
N PHE A 15 8.19 -7.73 18.47
CA PHE A 15 9.03 -8.90 18.58
C PHE A 15 10.15 -8.58 19.55
N ASP A 16 10.24 -9.35 20.63
CA ASP A 16 11.29 -9.19 21.64
C ASP A 16 11.36 -7.74 22.13
N ASN A 17 10.20 -7.24 22.58
CA ASN A 17 10.04 -5.87 23.08
C ASN A 17 10.52 -4.81 22.10
N VAL A 18 10.43 -5.06 20.79
CA VAL A 18 10.68 -4.01 19.80
C VAL A 18 9.50 -3.98 18.83
N LYS A 19 8.97 -2.78 18.60
CA LYS A 19 7.88 -2.59 17.64
C LYS A 19 8.47 -2.33 16.26
N TYR A 20 8.13 -3.18 15.30
CA TYR A 20 8.54 -3.07 13.91
C TYR A 20 7.34 -2.70 13.05
N SER A 21 7.57 -1.83 12.08
CA SER A 21 6.53 -1.43 11.16
C SER A 21 7.01 -1.65 9.74
N LEU A 22 6.05 -1.75 8.83
CA LEU A 22 6.35 -1.84 7.41
C LEU A 22 7.23 -0.67 6.99
N TYR A 23 8.30 -0.98 6.24
CA TYR A 23 9.32 -0.07 5.69
C TYR A 23 10.33 0.33 6.75
N ASP A 24 10.28 -0.24 7.95
CA ASP A 24 11.38 -0.09 8.88
C ASP A 24 12.60 -0.84 8.38
N ASN A 25 13.76 -0.44 8.89
CA ASN A 25 15.02 -1.09 8.55
C ASN A 25 15.49 -1.89 9.75
N VAL A 26 16.03 -3.08 9.49
CA VAL A 26 16.29 -4.06 10.53
C VAL A 26 17.62 -4.76 10.25
N TYR A 27 18.18 -5.29 11.34
CA TYR A 27 19.31 -6.20 11.27
C TYR A 27 18.81 -7.63 11.17
N LEU A 28 19.52 -8.44 10.39
CA LEU A 28 19.25 -9.87 10.29
C LEU A 28 20.57 -10.60 10.22
N PHE A 29 20.80 -11.53 11.14
CA PHE A 29 22.03 -12.30 11.20
C PHE A 29 21.85 -13.62 10.46
N LYS A 30 22.82 -13.96 9.63
CA LYS A 30 22.90 -15.32 9.10
C LYS A 30 23.88 -16.13 9.95
N SER A 31 23.52 -17.38 10.19
CA SER A 31 24.39 -18.35 10.83
C SER A 31 25.81 -18.31 10.27
N GLY A 32 26.79 -18.10 11.14
CA GLY A 32 28.19 -18.12 10.77
C GLY A 32 28.76 -16.80 10.32
N GLU A 33 27.93 -15.76 10.18
CA GLU A 33 28.41 -14.43 9.80
C GLU A 33 28.67 -13.61 11.05
N SER A 34 29.80 -12.90 11.06
CA SER A 34 30.14 -12.07 12.21
C SER A 34 29.32 -10.79 12.24
N GLU A 35 29.07 -10.18 11.05
CA GLU A 35 28.28 -8.95 10.98
C GLU A 35 26.88 -9.24 10.48
N PRO A 36 25.89 -8.49 10.96
CA PRO A 36 24.52 -8.67 10.45
C PRO A 36 24.34 -8.02 9.09
N TYR A 37 23.35 -8.53 8.36
CA TYR A 37 22.80 -7.86 7.20
C TYR A 37 21.85 -6.76 7.64
N ILE A 38 21.68 -5.76 6.79
CA ILE A 38 20.71 -4.69 7.00
C ILE A 38 19.71 -4.73 5.85
N GLY A 39 18.42 -4.73 6.17
CA GLY A 39 17.39 -4.78 5.15
C GLY A 39 16.16 -4.00 5.57
N LYS A 40 15.26 -3.79 4.61
CA LYS A 40 14.02 -3.07 4.84
C LYS A 40 12.84 -4.03 4.74
N ILE A 41 11.94 -3.97 5.71
CA ILE A 41 10.71 -4.77 5.64
C ILE A 41 9.79 -4.14 4.61
N ILE A 42 9.46 -4.89 3.55
CA ILE A 42 8.55 -4.40 2.54
C ILE A 42 7.27 -5.23 2.42
N LYS A 43 7.12 -6.26 3.24
CA LYS A 43 5.84 -6.99 3.35
C LYS A 43 5.87 -7.83 4.62
N ILE A 44 4.71 -7.92 5.28
CA ILE A 44 4.52 -8.74 6.48
C ILE A 44 3.24 -9.53 6.31
N TRP A 45 3.32 -10.85 6.46
CA TRP A 45 2.13 -11.66 6.29
C TRP A 45 2.28 -12.97 7.07
N GLN A 46 1.17 -13.70 7.17
CA GLN A 46 1.20 -15.04 7.74
C GLN A 46 0.82 -16.04 6.67
N GLN A 47 1.57 -17.14 6.64
CA GLN A 47 1.50 -18.14 5.59
C GLN A 47 1.58 -19.51 6.25
N ASN A 48 0.45 -20.21 6.35
CA ASN A 48 0.40 -21.54 6.95
C ASN A 48 0.83 -21.49 8.41
N GLN A 49 0.40 -20.45 9.12
CA GLN A 49 0.66 -20.17 10.53
C GLN A 49 2.08 -19.63 10.72
N ALA A 50 2.93 -19.66 9.70
CA ALA A 50 4.27 -19.11 9.77
C ALA A 50 4.25 -17.62 9.43
N LYS A 51 4.96 -16.82 10.22
CA LYS A 51 5.02 -15.39 10.01
C LYS A 51 6.24 -15.05 9.16
N LYS A 52 6.03 -14.28 8.09
CA LYS A 52 7.05 -14.02 7.09
C LYS A 52 7.21 -12.52 6.88
N VAL A 53 8.42 -12.12 6.52
CA VAL A 53 8.69 -10.75 6.07
C VAL A 53 9.48 -10.83 4.78
N LYS A 54 9.13 -9.97 3.82
CA LYS A 54 9.95 -9.82 2.63
C LYS A 54 10.93 -8.69 2.90
N ILE A 55 12.22 -8.96 2.69
CA ILE A 55 13.28 -8.02 3.02
C ILE A 55 13.88 -7.53 1.71
N LEU A 56 13.84 -6.21 1.52
CA LEU A 56 14.58 -5.54 0.45
C LEU A 56 15.96 -5.20 1.00
N TRP A 57 17.01 -5.66 0.33
CA TRP A 57 18.33 -5.58 0.94
C TRP A 57 18.96 -4.21 0.83
N PHE A 58 19.67 -3.82 1.89
CA PHE A 58 20.77 -2.88 1.79
C PHE A 58 22.08 -3.65 1.64
N PHE A 59 23.09 -2.96 1.12
CA PHE A 59 24.46 -3.47 1.01
C PHE A 59 25.37 -2.58 1.82
N LEU A 60 26.11 -3.18 2.74
CA LEU A 60 27.22 -2.51 3.37
C LEU A 60 28.39 -2.45 2.37
N PRO A 61 29.29 -1.47 2.54
CA PRO A 61 30.41 -1.35 1.59
C PRO A 61 31.19 -2.64 1.42
N ASP A 62 31.44 -3.38 2.50
CA ASP A 62 32.20 -4.62 2.39
C ASP A 62 31.46 -5.67 1.57
N GLU A 63 30.13 -5.59 1.49
CA GLU A 63 29.35 -6.59 0.78
C GLU A 63 29.39 -6.40 -0.74
N ILE A 64 29.76 -5.22 -1.23
CA ILE A 64 29.81 -4.97 -2.68
C ILE A 64 31.15 -4.38 -3.04
N ARG A 65 32.13 -4.52 -2.15
CA ARG A 65 33.45 -3.91 -2.32
C ARG A 65 34.06 -4.20 -3.68
N LYS A 66 33.83 -5.40 -4.22
CA LYS A 66 34.42 -5.79 -5.50
C LYS A 66 33.85 -5.03 -6.68
N HIS A 67 32.73 -4.33 -6.52
CA HIS A 67 32.11 -3.58 -7.61
C HIS A 67 32.27 -2.08 -7.47
N LEU A 68 32.97 -1.62 -6.43
CA LEU A 68 33.10 -0.20 -6.14
C LEU A 68 34.44 0.31 -6.68
N SER A 69 34.38 1.38 -7.46
CA SER A 69 35.60 2.00 -7.97
C SER A 69 36.09 3.16 -7.12
N GLY A 70 35.23 3.71 -6.27
CA GLY A 70 35.59 4.87 -5.47
C GLY A 70 35.36 4.69 -3.98
N PRO A 71 35.60 5.75 -3.22
CA PRO A 71 35.48 5.68 -1.76
C PRO A 71 34.03 5.72 -1.30
N VAL A 72 33.85 5.46 0.00
CA VAL A 72 32.55 5.53 0.66
C VAL A 72 32.68 6.37 1.94
N MET A 73 31.55 6.91 2.38
CA MET A 73 31.46 7.60 3.67
C MET A 73 31.41 6.59 4.81
N GLU A 74 31.72 7.07 6.02
CA GLU A 74 31.94 6.15 7.15
C GLU A 74 30.69 5.35 7.49
N LYS A 75 29.54 5.99 7.50
CA LYS A 75 28.27 5.34 7.82
C LYS A 75 27.46 4.98 6.57
N GLU A 76 28.07 4.98 5.39
CA GLU A 76 27.31 4.83 4.16
C GLU A 76 26.91 3.38 3.92
N ILE A 77 25.67 3.18 3.45
CA ILE A 77 25.20 1.92 2.91
C ILE A 77 24.46 2.21 1.60
N PHE A 78 24.02 1.15 0.93
CA PHE A 78 23.44 1.32 -0.40
C PHE A 78 22.16 0.50 -0.50
N LEU A 79 21.11 1.08 -1.07
CA LEU A 79 19.84 0.38 -1.19
C LEU A 79 19.83 -0.43 -2.48
N ALA A 80 19.45 -1.70 -2.40
CA ALA A 80 19.35 -2.53 -3.59
C ALA A 80 18.27 -1.99 -4.51
N CYS A 81 18.51 -2.10 -5.82
CA CYS A 81 17.50 -1.74 -6.81
C CYS A 81 17.68 -2.62 -8.03
N GLY A 82 16.84 -2.40 -9.04
CA GLY A 82 16.87 -3.21 -10.22
C GLY A 82 16.13 -4.52 -10.02
N GLU A 83 16.38 -5.46 -10.92
CA GLU A 83 15.71 -6.75 -10.88
C GLU A 83 16.74 -7.86 -10.98
N GLY A 84 16.57 -8.88 -10.15
CA GLY A 84 17.45 -10.04 -10.20
C GLY A 84 17.77 -10.59 -8.83
N VAL A 85 18.56 -11.66 -8.80
CA VAL A 85 18.97 -12.26 -7.53
C VAL A 85 19.75 -11.24 -6.70
N GLY A 86 19.47 -11.20 -5.40
CA GLY A 86 20.11 -10.29 -4.49
C GLY A 86 19.29 -9.06 -4.14
N LEU A 87 18.17 -8.84 -4.82
CA LEU A 87 17.36 -7.67 -4.52
C LEU A 87 16.61 -7.84 -3.20
N ALA A 88 15.98 -8.99 -3.01
CA ALA A 88 15.08 -9.18 -1.88
C ALA A 88 14.95 -10.66 -1.60
N ASP A 89 14.67 -10.97 -0.33
CA ASP A 89 14.50 -12.35 0.11
C ASP A 89 13.40 -12.46 1.14
N ILE A 90 12.59 -13.50 1.01
CA ILE A 90 11.56 -13.80 2.00
C ILE A 90 12.24 -14.47 3.19
N ASN A 91 11.92 -13.99 4.38
CA ASN A 91 12.57 -14.38 5.62
C ASN A 91 11.52 -14.75 6.66
N PRO A 92 11.85 -15.65 7.57
CA PRO A 92 11.00 -15.82 8.76
C PRO A 92 11.06 -14.55 9.59
N LEU A 93 9.89 -14.12 10.09
CA LEU A 93 9.85 -12.94 10.94
C LEU A 93 10.82 -13.07 12.10
N GLU A 94 10.98 -14.29 12.62
CA GLU A 94 11.80 -14.57 13.79
C GLU A 94 13.30 -14.31 13.57
N ALA A 95 13.73 -14.11 12.33
CA ALA A 95 15.14 -13.82 12.08
C ALA A 95 15.48 -12.35 12.30
N ILE A 96 14.48 -11.49 12.48
CA ILE A 96 14.74 -10.08 12.68
C ILE A 96 15.46 -9.87 14.00
N GLY A 97 16.57 -9.15 13.96
CA GLY A 97 17.43 -8.99 15.12
C GLY A 97 17.61 -7.57 15.63
N GLY A 98 16.66 -6.69 15.37
CA GLY A 98 16.75 -5.34 15.90
C GLY A 98 16.45 -4.28 14.85
N LYS A 99 16.18 -3.06 15.29
CA LYS A 99 15.91 -1.96 14.37
C LYS A 99 17.19 -1.21 14.06
N CYS A 100 17.30 -0.74 12.83
CA CYS A 100 18.44 0.02 12.35
C CYS A 100 17.93 1.35 11.81
N THR A 101 18.53 2.45 12.26
CA THR A 101 18.14 3.78 11.81
C THR A 101 18.95 4.14 10.57
N VAL A 102 18.30 4.15 9.42
CA VAL A 102 18.94 4.42 8.14
C VAL A 102 18.29 5.67 7.54
N LEU A 103 19.09 6.70 7.27
CA LEU A 103 18.60 7.97 6.78
C LEU A 103 19.04 8.18 5.34
N CYS A 104 18.11 8.61 4.49
CA CYS A 104 18.39 8.90 3.09
C CYS A 104 18.75 10.37 2.93
N ILE A 105 19.86 10.64 2.24
CA ILE A 105 20.25 12.02 1.93
C ILE A 105 20.15 12.30 0.43
N SER A 106 19.46 11.45 -0.32
CA SER A 106 19.24 11.68 -1.74
C SER A 106 18.53 13.00 -1.98
N LYS A 107 18.95 13.69 -3.04
CA LYS A 107 18.23 14.88 -3.51
C LYS A 107 17.00 14.55 -4.32
N ASP A 108 16.71 13.26 -4.54
CA ASP A 108 15.49 12.89 -5.26
C ASP A 108 14.28 13.56 -4.62
N GLU A 109 13.36 14.03 -5.47
CA GLU A 109 12.26 14.84 -4.95
C GLU A 109 11.33 14.06 -4.05
N ARG A 110 11.28 12.74 -4.18
CA ARG A 110 10.46 11.90 -3.30
C ARG A 110 11.07 11.70 -1.93
N ASN A 111 12.29 12.18 -1.68
CA ASN A 111 12.93 12.05 -0.38
C ASN A 111 12.76 13.34 0.39
N ARG A 112 12.33 13.24 1.64
CA ARG A 112 12.34 14.39 2.53
C ARG A 112 13.74 14.60 3.07
N GLN A 113 14.28 15.81 2.89
CA GLN A 113 15.60 16.11 3.42
C GLN A 113 15.59 15.96 4.93
N PRO A 114 16.51 15.21 5.52
CA PRO A 114 16.45 14.96 6.96
C PRO A 114 16.89 16.16 7.77
N SER A 115 16.36 16.23 8.99
CA SER A 115 16.77 17.26 9.93
C SER A 115 18.15 16.95 10.48
N PRO A 116 18.86 17.96 10.99
CA PRO A 116 20.10 17.68 11.73
C PRO A 116 19.91 16.66 12.84
N ARG A 117 18.75 16.68 13.50
CA ARG A 117 18.48 15.72 14.57
C ARG A 117 18.47 14.29 14.03
N GLU A 118 17.74 14.06 12.94
CA GLU A 118 17.69 12.73 12.32
C GLU A 118 19.08 12.27 11.88
N LEU A 119 19.84 13.16 11.23
CA LEU A 119 21.18 12.80 10.78
C LEU A 119 22.07 12.47 11.97
N ALA A 120 21.88 13.18 13.08
CA ALA A 120 22.71 12.92 14.26
C ALA A 120 22.43 11.54 14.86
N MET A 121 21.21 11.02 14.69
CA MET A 121 20.83 9.75 15.29
C MET A 121 20.91 8.59 14.32
N ALA A 122 21.38 8.82 13.09
CA ALA A 122 21.37 7.77 12.07
C ALA A 122 22.46 6.74 12.36
N ASP A 123 22.10 5.46 12.26
CA ASP A 123 23.12 4.42 12.24
C ASP A 123 23.85 4.42 10.90
N TYR A 124 23.11 4.57 9.81
CA TYR A 124 23.68 4.60 8.47
C TYR A 124 22.96 5.65 7.64
N ILE A 125 23.65 6.14 6.60
CA ILE A 125 23.07 7.08 5.65
C ILE A 125 23.23 6.51 4.26
N PHE A 126 22.33 6.88 3.35
CA PHE A 126 22.50 6.44 1.98
C PHE A 126 21.92 7.45 1.00
N TYR A 127 22.52 7.49 -0.18
CA TYR A 127 22.00 8.25 -1.31
C TYR A 127 22.27 7.54 -2.63
N ARG A 128 22.86 6.36 -2.61
CA ARG A 128 23.18 5.62 -3.82
C ARG A 128 22.51 4.25 -3.78
N PHE A 129 22.18 3.76 -4.98
CA PHE A 129 21.35 2.59 -5.17
C PHE A 129 22.14 1.60 -6.02
N PHE A 130 22.24 0.37 -5.54
CA PHE A 130 23.04 -0.66 -6.20
C PHE A 130 22.13 -1.51 -7.07
N ASP A 131 22.26 -1.35 -8.40
CA ASP A 131 21.55 -2.20 -9.33
C ASP A 131 22.19 -3.58 -9.30
N VAL A 132 21.38 -4.57 -8.88
CA VAL A 132 21.82 -5.94 -8.69
C VAL A 132 22.03 -6.66 -10.02
N ASN A 133 21.52 -6.11 -11.11
CA ASN A 133 21.73 -6.72 -12.41
C ASN A 133 23.07 -6.29 -13.00
N SER A 134 23.22 -4.98 -13.27
CA SER A 134 24.51 -4.45 -13.70
C SER A 134 25.55 -4.50 -12.59
N CYS A 135 25.12 -4.66 -11.34
CA CYS A 135 25.97 -4.52 -10.17
C CYS A 135 26.71 -3.19 -10.20
N THR A 136 25.94 -2.12 -10.37
CA THR A 136 26.56 -0.79 -10.39
C THR A 136 25.77 0.18 -9.53
N LEU A 137 26.48 1.18 -9.01
CA LEU A 137 25.87 2.19 -8.15
C LEU A 137 25.37 3.36 -8.97
N SER A 138 24.21 3.88 -8.62
CA SER A 138 23.68 5.08 -9.26
C SER A 138 23.04 5.96 -8.20
N GLU A 139 23.05 7.26 -8.44
CA GLU A 139 22.33 8.19 -7.58
C GLU A 139 20.90 8.43 -8.07
N GLN A 140 20.48 7.73 -9.13
CA GLN A 140 19.12 7.82 -9.64
C GLN A 140 18.27 6.72 -9.01
N LEU A 141 17.21 7.12 -8.32
CA LEU A 141 16.27 6.17 -7.75
C LEU A 141 15.22 5.79 -8.81
N PRO A 142 15.04 4.49 -9.08
CA PRO A 142 14.00 4.10 -10.04
C PRO A 142 12.60 4.47 -9.57
N GLU A 143 11.64 4.36 -10.50
CA GLU A 143 10.25 4.65 -10.17
C GLU A 143 9.75 3.74 -9.05
N LYS A 144 10.05 2.43 -9.15
CA LYS A 144 9.70 1.48 -8.12
C LYS A 144 10.87 0.54 -7.90
N ILE A 145 10.90 -0.10 -6.73
CA ILE A 145 11.84 -1.17 -6.43
C ILE A 145 11.06 -2.32 -5.81
N ALA A 146 11.26 -3.52 -6.36
CA ALA A 146 10.59 -4.73 -5.87
C ALA A 146 9.07 -4.53 -5.80
N GLY A 147 8.53 -3.83 -6.79
CA GLY A 147 7.11 -3.56 -6.86
C GLY A 147 6.60 -2.50 -5.92
N VAL A 148 7.47 -1.87 -5.14
CA VAL A 148 7.07 -0.84 -4.18
C VAL A 148 7.43 0.53 -4.74
N GLU A 149 6.51 1.48 -4.61
CA GLU A 149 6.78 2.83 -5.09
C GLU A 149 7.96 3.43 -4.36
N GLY A 150 8.83 4.11 -5.12
CA GLY A 150 10.08 4.58 -4.57
C GLY A 150 9.91 5.52 -3.37
N ASN A 151 8.85 6.34 -3.37
CA ASN A 151 8.67 7.29 -2.28
C ASN A 151 8.37 6.61 -0.95
N LEU A 152 8.05 5.32 -0.94
CA LEU A 152 7.85 4.59 0.30
C LEU A 152 9.14 4.00 0.85
N LEU A 153 10.23 4.02 0.08
CA LEU A 153 11.47 3.37 0.43
C LEU A 153 12.53 4.32 0.97
N LEU A 154 12.19 5.59 1.16
CA LEU A 154 13.12 6.60 1.61
C LEU A 154 12.77 7.02 3.04
N ASN A 155 12.98 8.30 3.37
CA ASN A 155 12.66 8.78 4.70
C ASN A 155 11.16 8.84 4.91
N SER A 156 10.75 8.77 6.18
CA SER A 156 9.34 8.96 6.52
C SER A 156 8.84 10.31 6.01
N LYS A 157 7.55 10.36 5.70
CA LYS A 157 6.98 11.59 5.15
C LYS A 157 6.98 12.72 6.17
N VAL A 158 7.01 12.39 7.46
CA VAL A 158 7.05 13.37 8.53
C VAL A 158 8.17 12.95 9.49
N GLU A 159 8.92 13.92 9.97
CA GLU A 159 9.96 13.64 10.97
C GLU A 159 9.39 12.96 12.22
N PRO B 1 19.20 -1.19 17.73
CA PRO B 1 20.40 -1.97 18.04
C PRO B 1 20.28 -3.43 17.61
N PRO B 2 21.39 -4.03 17.18
CA PRO B 2 21.33 -5.40 16.68
C PRO B 2 21.36 -6.42 17.81
N LYS B 3 20.80 -7.59 17.52
CA LYS B 3 20.65 -8.66 18.50
C LYS B 3 20.57 -9.97 17.73
N ARG B 4 21.61 -10.80 17.86
CA ARG B 4 21.67 -12.04 17.12
C ARG B 4 20.57 -13.01 17.52
N ARG B 5 19.96 -13.64 16.52
CA ARG B 5 18.88 -14.59 16.74
C ARG B 5 19.36 -16.00 16.49
N ALA B 6 18.63 -16.96 17.07
CA ALA B 6 18.90 -18.37 16.78
C ALA B 6 18.54 -18.72 15.35
N ILE B 7 17.38 -18.26 14.89
CA ILE B 7 16.93 -18.52 13.52
C ILE B 7 17.72 -17.64 12.56
N SER B 8 18.25 -18.27 11.51
CA SER B 8 19.16 -17.60 10.60
C SER B 8 18.40 -16.87 9.51
N ALA B 9 18.98 -15.76 9.06
CA ALA B 9 18.44 -15.03 7.93
C ALA B 9 18.61 -15.82 6.65
N ILE B 10 17.73 -15.56 5.70
CA ILE B 10 17.81 -16.12 4.35
C ILE B 10 18.23 -15.00 3.43
N ARG B 11 19.32 -15.18 2.68
CA ARG B 11 19.76 -14.12 1.78
C ARG B 11 20.53 -14.69 0.60
N LYS B 12 20.16 -14.23 -0.59
CA LYS B 12 20.97 -14.42 -1.78
C LYS B 12 21.66 -13.11 -2.13
N PHE B 13 22.88 -13.21 -2.70
CA PHE B 13 23.66 -12.05 -3.10
C PHE B 13 23.79 -11.99 -4.62
N PRO B 14 23.97 -10.80 -5.19
CA PRO B 14 24.38 -10.70 -6.60
C PRO B 14 25.77 -11.32 -6.78
N ARG B 15 26.15 -11.52 -8.04
CA ARG B 15 27.44 -12.12 -8.34
C ARG B 15 28.58 -11.34 -7.69
N ASP B 16 29.52 -12.07 -7.10
CA ASP B 16 30.72 -11.48 -6.48
C ASP B 16 30.38 -10.45 -5.42
N CYS B 17 29.24 -10.63 -4.75
CA CYS B 17 28.88 -9.85 -3.58
C CYS B 17 28.75 -10.79 -2.39
N GLY B 18 28.80 -10.21 -1.19
CA GLY B 18 28.70 -10.98 0.02
C GLY B 18 29.88 -10.81 0.94
N GLY C 1 9.69 -10.52 24.52
CA GLY C 1 10.12 -11.90 24.38
C GLY C 1 9.67 -12.54 23.08
N GLY C 2 8.37 -12.81 22.98
CA GLY C 2 7.79 -13.46 21.82
C GLY C 2 7.35 -12.49 20.74
N ILE C 3 6.42 -12.95 19.92
CA ILE C 3 5.90 -12.19 18.80
C ILE C 3 4.46 -11.80 19.11
N LYS C 4 4.12 -10.55 18.81
CA LYS C 4 2.75 -10.05 18.96
C LYS C 4 2.43 -9.28 17.70
N MET C 5 1.60 -9.86 16.84
CA MET C 5 1.17 -9.16 15.64
C MET C 5 0.10 -8.14 15.99
N ASP C 6 0.10 -7.04 15.26
CA ASP C 6 -0.97 -6.06 15.41
C ASP C 6 -2.10 -6.44 14.45
N THR C 7 -2.98 -5.50 14.12
CA THR C 7 -4.20 -5.84 13.40
C THR C 7 -3.89 -6.39 12.00
N GLN C 8 -4.59 -7.46 11.62
CA GLN C 8 -4.46 -8.04 10.30
C GLN C 8 -5.32 -7.30 9.29
N PHE C 9 -4.74 -6.96 8.14
CA PHE C 9 -5.50 -6.43 7.03
C PHE C 9 -5.36 -7.40 5.85
N TYR C 10 -6.22 -7.22 4.84
CA TYR C 10 -6.30 -8.17 3.75
C TYR C 10 -6.29 -7.45 2.41
N ASP C 11 -5.88 -8.19 1.39
CA ASP C 11 -5.97 -7.73 0.01
C ASP C 11 -7.16 -8.32 -0.75
N SER C 12 -7.70 -9.45 -0.30
CA SER C 12 -8.78 -10.10 -1.04
C SER C 12 -9.54 -11.07 -0.14
N PHE C 13 -10.74 -11.42 -0.58
CA PHE C 13 -11.56 -12.42 0.10
C PHE C 13 -12.62 -12.92 -0.87
N THR C 14 -13.27 -14.01 -0.49
CA THR C 14 -14.41 -14.54 -1.23
C THR C 14 -15.64 -14.45 -0.35
N PHE C 15 -16.73 -13.94 -0.93
CA PHE C 15 -18.01 -13.82 -0.25
C PHE C 15 -19.10 -14.20 -1.23
N ASP C 16 -19.87 -15.25 -0.90
CA ASP C 16 -20.97 -15.73 -1.72
C ASP C 16 -20.54 -15.95 -3.17
N ASN C 17 -19.48 -16.74 -3.33
CA ASN C 17 -18.88 -17.06 -4.63
C ASN C 17 -18.55 -15.83 -5.46
N VAL C 18 -18.16 -14.74 -4.80
CA VAL C 18 -17.59 -13.61 -5.51
C VAL C 18 -16.25 -13.28 -4.87
N LYS C 19 -15.22 -13.16 -5.70
CA LYS C 19 -13.89 -12.77 -5.24
C LYS C 19 -13.79 -11.26 -5.27
N TYR C 20 -13.50 -10.66 -4.12
CA TYR C 20 -13.33 -9.23 -3.96
C TYR C 20 -11.87 -8.93 -3.64
N SER C 21 -11.36 -7.84 -4.19
CA SER C 21 -10.01 -7.39 -3.93
C SER C 21 -10.05 -5.95 -3.43
N LEU C 22 -8.99 -5.55 -2.75
CA LEU C 22 -8.81 -4.17 -2.37
C LEU C 22 -8.92 -3.29 -3.60
N TYR C 23 -9.70 -2.21 -3.49
CA TYR C 23 -9.96 -1.20 -4.53
C TYR C 23 -10.98 -1.68 -5.56
N ASP C 24 -11.58 -2.85 -5.36
CA ASP C 24 -12.75 -3.20 -6.17
C ASP C 24 -13.92 -2.31 -5.81
N ASN C 25 -14.88 -2.23 -6.74
CA ASN C 25 -16.10 -1.46 -6.54
C ASN C 25 -17.26 -2.42 -6.33
N VAL C 26 -18.17 -2.05 -5.42
CA VAL C 26 -19.18 -2.95 -4.91
C VAL C 26 -20.51 -2.21 -4.73
N TYR C 27 -21.58 -2.99 -4.75
CA TYR C 27 -22.92 -2.55 -4.34
C TYR C 27 -23.12 -2.83 -2.85
N LEU C 28 -23.83 -1.91 -2.19
CA LEU C 28 -24.21 -2.10 -0.80
C LEU C 28 -25.60 -1.51 -0.59
N PHE C 29 -26.54 -2.33 -0.12
CA PHE C 29 -27.91 -1.90 0.13
C PHE C 29 -28.07 -1.46 1.58
N LYS C 30 -28.72 -0.32 1.78
CA LYS C 30 -29.19 0.10 3.10
C LYS C 30 -30.66 -0.24 3.25
N SER C 31 -31.04 -0.67 4.46
CA SER C 31 -32.45 -0.84 4.84
C SER C 31 -33.31 0.34 4.41
N GLY C 32 -34.36 0.04 3.64
CA GLY C 32 -35.32 1.03 3.24
C GLY C 32 -34.98 1.78 1.96
N GLU C 33 -33.81 1.54 1.39
CA GLU C 33 -33.41 2.17 0.14
C GLU C 33 -33.79 1.29 -1.05
N SER C 34 -34.36 1.91 -2.07
CA SER C 34 -34.76 1.17 -3.26
C SER C 34 -33.56 0.81 -4.14
N GLU C 35 -32.60 1.72 -4.27
CA GLU C 35 -31.42 1.53 -5.09
C GLU C 35 -30.20 1.22 -4.21
N PRO C 36 -29.27 0.42 -4.67
CA PRO C 36 -28.04 0.19 -3.91
C PRO C 36 -27.10 1.38 -4.00
N TYR C 37 -26.25 1.50 -2.99
CA TYR C 37 -25.09 2.37 -3.06
C TYR C 37 -23.97 1.70 -3.83
N ILE C 38 -23.09 2.52 -4.43
CA ILE C 38 -21.88 2.05 -5.08
C ILE C 38 -20.69 2.64 -4.34
N GLY C 39 -19.73 1.79 -3.98
CA GLY C 39 -18.57 2.26 -3.26
C GLY C 39 -17.34 1.45 -3.63
N LYS C 40 -16.19 1.94 -3.20
CA LYS C 40 -14.91 1.29 -3.45
C LYS C 40 -14.35 0.78 -2.12
N ILE C 41 -13.88 -0.47 -2.13
CA ILE C 41 -13.22 -1.03 -0.94
C ILE C 41 -11.83 -0.41 -0.86
N ILE C 42 -11.55 0.33 0.21
CA ILE C 42 -10.23 0.93 0.40
C ILE C 42 -9.50 0.42 1.62
N LYS C 43 -10.09 -0.51 2.37
CA LYS C 43 -9.37 -1.22 3.41
C LYS C 43 -10.20 -2.44 3.80
N ILE C 44 -9.51 -3.54 4.11
CA ILE C 44 -10.14 -4.78 4.56
C ILE C 44 -9.38 -5.24 5.79
N TRP C 45 -10.10 -5.47 6.88
CA TRP C 45 -9.43 -5.95 8.09
C TRP C 45 -10.40 -6.73 8.94
N GLN C 46 -9.85 -7.46 9.90
CA GLN C 46 -10.62 -8.17 10.90
C GLN C 46 -10.25 -7.64 12.27
N GLN C 47 -11.27 -7.47 13.11
CA GLN C 47 -11.11 -6.83 14.41
C GLN C 47 -11.90 -7.69 15.40
N ASN C 48 -11.19 -8.50 16.18
CA ASN C 48 -11.83 -9.32 17.21
C ASN C 48 -12.86 -10.27 16.57
N GLN C 49 -12.49 -10.83 15.42
CA GLN C 49 -13.25 -11.76 14.60
C GLN C 49 -14.29 -11.07 13.71
N ALA C 50 -14.53 -9.77 13.88
CA ALA C 50 -15.47 -9.06 13.02
C ALA C 50 -14.75 -8.57 11.76
N LYS C 51 -15.34 -8.86 10.60
CA LYS C 51 -14.74 -8.49 9.33
C LYS C 51 -15.30 -7.16 8.83
N LYS C 52 -14.39 -6.23 8.49
CA LYS C 52 -14.77 -4.87 8.16
C LYS C 52 -14.15 -4.45 6.83
N VAL C 53 -14.84 -3.55 6.13
CA VAL C 53 -14.29 -2.88 4.96
C VAL C 53 -14.54 -1.39 5.12
N LYS C 54 -13.55 -0.57 4.76
CA LYS C 54 -13.80 0.86 4.66
C LYS C 54 -14.20 1.15 3.22
N ILE C 55 -15.31 1.86 3.05
CA ILE C 55 -15.88 2.12 1.73
C ILE C 55 -15.74 3.60 1.43
N LEU C 56 -15.04 3.91 0.33
CA LEU C 56 -15.02 5.25 -0.25
C LEU C 56 -16.16 5.36 -1.24
N TRP C 57 -17.05 6.35 -1.06
CA TRP C 57 -18.31 6.34 -1.79
C TRP C 57 -18.17 6.87 -3.21
N PHE C 58 -18.93 6.26 -4.11
CA PHE C 58 -19.38 6.92 -5.33
C PHE C 58 -20.76 7.54 -5.08
N PHE C 59 -21.11 8.49 -5.93
CA PHE C 59 -22.42 9.11 -5.95
C PHE C 59 -23.03 8.87 -7.32
N LEU C 60 -24.22 8.27 -7.33
CA LEU C 60 -25.05 8.23 -8.52
C LEU C 60 -25.68 9.59 -8.76
N PRO C 61 -26.03 9.91 -10.00
CA PRO C 61 -26.61 11.24 -10.28
C PRO C 61 -27.80 11.59 -9.41
N ASP C 62 -28.70 10.63 -9.15
CA ASP C 62 -29.85 10.92 -8.29
C ASP C 62 -29.45 11.23 -6.86
N GLU C 63 -28.29 10.76 -6.41
CA GLU C 63 -27.89 10.99 -5.03
C GLU C 63 -27.35 12.40 -4.81
N ILE C 64 -27.00 13.12 -5.87
CA ILE C 64 -26.47 14.48 -5.73
C ILE C 64 -27.21 15.42 -6.68
N ARG C 65 -28.38 14.99 -7.18
CA ARG C 65 -29.12 15.77 -8.19
C ARG C 65 -29.35 17.21 -7.78
N LYS C 66 -29.56 17.46 -6.48
CA LYS C 66 -29.81 18.82 -6.02
C LYS C 66 -28.59 19.73 -6.15
N HIS C 67 -27.41 19.17 -6.42
CA HIS C 67 -26.19 19.94 -6.55
C HIS C 67 -25.70 20.02 -7.99
N LEU C 68 -26.41 19.45 -8.96
CA LEU C 68 -25.96 19.41 -10.34
C LEU C 68 -26.63 20.50 -11.16
N SER C 69 -25.82 21.32 -11.84
CA SER C 69 -26.32 22.34 -12.73
C SER C 69 -26.37 21.90 -14.19
N GLY C 70 -25.61 20.88 -14.56
CA GLY C 70 -25.54 20.46 -15.94
C GLY C 70 -25.87 18.99 -16.10
N PRO C 71 -25.76 18.50 -17.33
CA PRO C 71 -26.15 17.11 -17.60
C PRO C 71 -25.09 16.11 -17.13
N VAL C 72 -25.48 14.85 -17.14
CA VAL C 72 -24.59 13.73 -16.86
C VAL C 72 -24.81 12.70 -17.96
N MET C 73 -23.80 11.87 -18.16
CA MET C 73 -24.01 10.72 -19.03
C MET C 73 -24.78 9.66 -18.24
N GLU C 74 -25.49 8.80 -18.96
CA GLU C 74 -26.45 7.95 -18.27
C GLU C 74 -25.76 6.94 -17.36
N LYS C 75 -24.59 6.46 -17.74
CA LYS C 75 -23.83 5.53 -16.92
C LYS C 75 -22.82 6.25 -16.02
N GLU C 76 -22.94 7.57 -15.88
CA GLU C 76 -21.95 8.33 -15.13
C GLU C 76 -22.22 8.26 -13.63
N ILE C 77 -21.16 8.13 -12.85
CA ILE C 77 -21.17 8.32 -11.40
C ILE C 77 -19.97 9.17 -11.04
N PHE C 78 -19.85 9.51 -9.76
CA PHE C 78 -18.84 10.47 -9.32
C PHE C 78 -18.14 9.94 -8.08
N LEU C 79 -16.82 10.03 -8.03
CA LEU C 79 -16.07 9.53 -6.89
C LEU C 79 -15.99 10.62 -5.83
N ALA C 80 -16.30 10.26 -4.59
CA ALA C 80 -16.18 11.22 -3.49
C ALA C 80 -14.73 11.63 -3.30
N CYS C 81 -14.54 12.90 -2.91
CA CYS C 81 -13.21 13.40 -2.56
C CYS C 81 -13.37 14.49 -1.52
N GLY C 82 -12.25 15.07 -1.12
CA GLY C 82 -12.28 16.08 -0.08
C GLY C 82 -12.31 15.46 1.31
N GLU C 83 -12.74 16.27 2.28
CA GLU C 83 -12.80 15.86 3.67
C GLU C 83 -14.17 16.20 4.24
N GLY C 84 -14.75 15.27 4.99
CA GLY C 84 -16.00 15.55 5.65
C GLY C 84 -16.97 14.38 5.67
N VAL C 85 -18.13 14.59 6.29
CA VAL C 85 -19.16 13.55 6.32
C VAL C 85 -19.60 13.23 4.90
N GLY C 86 -19.76 11.93 4.62
CA GLY C 86 -20.17 11.46 3.33
C GLY C 86 -19.05 10.95 2.45
N LEU C 87 -17.80 11.15 2.86
CA LEU C 87 -16.67 10.69 2.04
C LEU C 87 -16.53 9.17 2.10
N ALA C 88 -16.56 8.61 3.30
CA ALA C 88 -16.25 7.20 3.48
C ALA C 88 -16.91 6.71 4.74
N ASP C 89 -17.23 5.42 4.76
CA ASP C 89 -17.87 4.81 5.91
C ASP C 89 -17.35 3.39 6.11
N ILE C 90 -17.06 3.05 7.36
CA ILE C 90 -16.68 1.68 7.68
C ILE C 90 -17.95 0.84 7.72
N ASN C 91 -17.91 -0.30 7.06
CA ASN C 91 -19.03 -1.18 6.85
C ASN C 91 -18.67 -2.60 7.27
N PRO C 92 -19.64 -3.37 7.73
CA PRO C 92 -19.41 -4.81 7.87
C PRO C 92 -19.22 -5.42 6.49
N LEU C 93 -18.23 -6.31 6.38
CA LEU C 93 -17.97 -6.97 5.12
C LEU C 93 -19.22 -7.65 4.58
N GLU C 94 -20.06 -8.18 5.48
CA GLU C 94 -21.26 -8.93 5.11
C GLU C 94 -22.32 -8.08 4.43
N ALA C 95 -22.19 -6.76 4.43
CA ALA C 95 -23.16 -5.91 3.77
C ALA C 95 -22.91 -5.78 2.27
N ILE C 96 -21.77 -6.25 1.78
CA ILE C 96 -21.47 -6.16 0.36
C ILE C 96 -22.43 -7.06 -0.41
N GLY C 97 -23.07 -6.50 -1.44
CA GLY C 97 -24.08 -7.24 -2.16
C GLY C 97 -23.76 -7.50 -3.61
N GLY C 98 -22.49 -7.50 -3.97
CA GLY C 98 -22.07 -7.79 -5.33
C GLY C 98 -21.02 -6.81 -5.82
N LYS C 99 -20.36 -7.19 -6.90
CA LYS C 99 -19.32 -6.37 -7.50
C LYS C 99 -19.90 -5.49 -8.61
N CYS C 100 -19.33 -4.29 -8.72
CA CYS C 100 -19.74 -3.30 -9.71
C CYS C 100 -18.52 -2.91 -10.54
N THR C 101 -18.65 -2.94 -11.86
CA THR C 101 -17.56 -2.56 -12.75
C THR C 101 -17.65 -1.07 -13.00
N VAL C 102 -16.73 -0.30 -12.43
CA VAL C 102 -16.70 1.16 -12.57
C VAL C 102 -15.40 1.53 -13.25
N LEU C 103 -15.51 2.19 -14.40
CA LEU C 103 -14.36 2.50 -15.22
C LEU C 103 -14.10 4.00 -15.22
N CYS C 104 -12.85 4.38 -15.03
CA CYS C 104 -12.46 5.79 -15.05
C CYS C 104 -12.06 6.19 -16.46
N ILE C 105 -12.65 7.28 -16.96
CA ILE C 105 -12.30 7.79 -18.28
C ILE C 105 -11.55 9.12 -18.18
N SER C 106 -11.09 9.48 -17.00
CA SER C 106 -10.31 10.70 -16.81
C SER C 106 -9.04 10.66 -17.65
N LYS C 107 -8.70 11.80 -18.26
CA LYS C 107 -7.45 11.94 -18.97
C LYS C 107 -6.26 12.16 -18.05
N ASP C 108 -6.48 12.28 -16.73
CA ASP C 108 -5.38 12.42 -15.79
C ASP C 108 -4.38 11.29 -15.97
N GLU C 109 -3.09 11.62 -15.87
CA GLU C 109 -2.06 10.64 -16.17
C GLU C 109 -1.99 9.51 -15.16
N ARG C 110 -2.49 9.72 -13.94
CA ARG C 110 -2.49 8.62 -12.99
C ARG C 110 -3.53 7.56 -13.35
N ASN C 111 -4.36 7.82 -14.35
CA ASN C 111 -5.35 6.86 -14.81
C ASN C 111 -4.83 6.15 -16.06
N ARG C 112 -4.90 4.83 -16.07
CA ARG C 112 -4.61 4.07 -17.28
C ARG C 112 -5.80 4.20 -18.22
N GLN C 113 -5.56 4.67 -19.44
CA GLN C 113 -6.64 4.82 -20.40
C GLN C 113 -7.26 3.46 -20.69
N PRO C 114 -8.58 3.32 -20.60
CA PRO C 114 -9.20 2.00 -20.73
C PRO C 114 -9.25 1.50 -22.17
N SER C 115 -9.28 0.18 -22.28
CA SER C 115 -9.45 -0.51 -23.55
C SER C 115 -10.91 -0.44 -24.01
N PRO C 116 -11.16 -0.59 -25.32
CA PRO C 116 -12.55 -0.75 -25.79
C PRO C 116 -13.31 -1.85 -25.06
N ARG C 117 -12.64 -2.96 -24.71
CA ARG C 117 -13.28 -4.02 -23.95
C ARG C 117 -13.76 -3.51 -22.60
N GLU C 118 -12.88 -2.84 -21.86
CA GLU C 118 -13.25 -2.29 -20.56
C GLU C 118 -14.41 -1.31 -20.70
N LEU C 119 -14.35 -0.43 -21.70
CA LEU C 119 -15.44 0.52 -21.91
C LEU C 119 -16.75 -0.19 -22.20
N ALA C 120 -16.70 -1.26 -22.99
CA ALA C 120 -17.93 -1.98 -23.33
C ALA C 120 -18.50 -2.74 -22.14
N MET C 121 -17.67 -3.19 -21.22
CA MET C 121 -18.14 -4.00 -20.10
C MET C 121 -18.37 -3.20 -18.83
N ALA C 122 -18.21 -1.88 -18.88
CA ALA C 122 -18.36 -1.07 -17.67
C ALA C 122 -19.83 -0.96 -17.27
N ASP C 123 -20.12 -1.17 -15.99
CA ASP C 123 -21.43 -0.82 -15.47
C ASP C 123 -21.60 0.69 -15.37
N TYR C 124 -20.57 1.37 -14.90
CA TYR C 124 -20.59 2.82 -14.78
C TYR C 124 -19.23 3.36 -15.19
N ILE C 125 -19.21 4.64 -15.57
CA ILE C 125 -17.98 5.35 -15.90
C ILE C 125 -17.91 6.62 -15.06
N PHE C 126 -16.68 7.09 -14.82
CA PHE C 126 -16.55 8.36 -14.12
C PHE C 126 -15.29 9.08 -14.55
N TYR C 127 -15.36 10.41 -14.47
CA TYR C 127 -14.20 11.27 -14.66
C TYR C 127 -14.26 12.50 -13.76
N ARG C 128 -15.30 12.64 -12.94
CA ARG C 128 -15.48 13.80 -12.09
C ARG C 128 -15.55 13.36 -10.64
N PHE C 129 -15.08 14.24 -9.76
CA PHE C 129 -14.90 13.96 -8.34
C PHE C 129 -15.71 14.97 -7.55
N PHE C 130 -16.54 14.46 -6.66
CA PHE C 130 -17.48 15.25 -5.89
C PHE C 130 -16.85 15.59 -4.54
N ASP C 131 -16.47 16.85 -4.35
CA ASP C 131 -15.96 17.27 -3.05
C ASP C 131 -17.10 17.29 -2.04
N VAL C 132 -17.00 16.48 -0.99
CA VAL C 132 -18.11 16.36 -0.04
C VAL C 132 -18.29 17.59 0.81
N ASN C 133 -17.30 18.50 0.85
CA ASN C 133 -17.43 19.73 1.61
C ASN C 133 -18.16 20.81 0.81
N SER C 134 -17.56 21.25 -0.30
CA SER C 134 -18.20 22.24 -1.17
C SER C 134 -19.44 21.69 -1.88
N CYS C 135 -19.59 20.37 -1.97
CA CYS C 135 -20.62 19.72 -2.79
C CYS C 135 -20.58 20.23 -4.24
N THR C 136 -19.38 20.17 -4.82
CA THR C 136 -19.17 20.56 -6.21
C THR C 136 -18.33 19.49 -6.90
N LEU C 137 -18.52 19.39 -8.21
CA LEU C 137 -17.77 18.44 -9.03
C LEU C 137 -16.54 19.12 -9.59
N SER C 138 -15.45 18.36 -9.68
CA SER C 138 -14.23 18.85 -10.31
C SER C 138 -13.65 17.72 -11.14
N GLU C 139 -12.96 18.07 -12.21
CA GLU C 139 -12.22 17.04 -12.94
C GLU C 139 -10.79 16.88 -12.43
N GLN C 140 -10.41 17.60 -11.38
CA GLN C 140 -9.08 17.46 -10.80
C GLN C 140 -9.13 16.42 -9.69
N LEU C 141 -8.32 15.38 -9.83
CA LEU C 141 -8.19 14.38 -8.77
C LEU C 141 -7.19 14.88 -7.74
N PRO C 142 -7.57 14.95 -6.47
CA PRO C 142 -6.63 15.38 -5.43
C PRO C 142 -5.45 14.43 -5.32
N GLU C 143 -4.44 14.88 -4.59
CA GLU C 143 -3.26 14.04 -4.37
C GLU C 143 -3.64 12.72 -3.69
N LYS C 144 -4.48 12.81 -2.66
CA LYS C 144 -4.96 11.62 -1.98
C LYS C 144 -6.44 11.81 -1.70
N ILE C 145 -7.14 10.69 -1.48
CA ILE C 145 -8.51 10.70 -1.00
C ILE C 145 -8.61 9.68 0.12
N ALA C 146 -9.17 10.11 1.25
CA ALA C 146 -9.33 9.25 2.43
C ALA C 146 -8.02 8.58 2.82
N GLY C 147 -6.92 9.34 2.69
CA GLY C 147 -5.60 8.84 3.03
C GLY C 147 -4.99 7.89 2.03
N VAL C 148 -5.67 7.59 0.93
CA VAL C 148 -5.18 6.67 -0.09
C VAL C 148 -4.67 7.47 -1.27
N GLU C 149 -3.51 7.07 -1.79
CA GLU C 149 -2.92 7.77 -2.94
C GLU C 149 -3.87 7.72 -4.13
N GLY C 150 -4.01 8.87 -4.80
CA GLY C 150 -5.01 8.98 -5.86
C GLY C 150 -4.82 7.98 -6.99
N ASN C 151 -3.57 7.66 -7.31
CA ASN C 151 -3.32 6.74 -8.41
C ASN C 151 -3.79 5.33 -8.13
N LEU C 152 -4.11 5.01 -6.88
CA LEU C 152 -4.66 3.70 -6.54
C LEU C 152 -6.18 3.65 -6.63
N LEU C 153 -6.84 4.80 -6.82
CA LEU C 153 -8.29 4.87 -6.80
C LEU C 153 -8.90 4.94 -8.19
N LEU C 154 -8.10 4.80 -9.24
CA LEU C 154 -8.62 4.88 -10.59
C LEU C 154 -8.61 3.50 -11.22
N ASN C 155 -8.34 3.40 -12.52
CA ASN C 155 -8.32 2.08 -13.13
C ASN C 155 -7.14 1.27 -12.61
N SER C 156 -7.29 -0.05 -12.67
CA SER C 156 -6.21 -0.96 -12.33
C SER C 156 -4.97 -0.66 -13.17
N LYS C 157 -3.81 -0.95 -12.59
CA LYS C 157 -2.56 -0.65 -13.28
C LYS C 157 -2.39 -1.48 -14.54
N VAL C 158 -3.01 -2.66 -14.57
CA VAL C 158 -2.90 -3.58 -15.70
C VAL C 158 -4.29 -4.08 -16.06
N GLU C 159 -4.53 -4.22 -17.37
CA GLU C 159 -5.71 -4.86 -18.03
C GLU C 159 -6.50 -3.83 -18.84
N PRO D 2 -26.32 -7.21 -8.57
CA PRO D 2 -26.53 -6.76 -7.19
C PRO D 2 -27.39 -7.73 -6.39
N LYS D 3 -27.25 -7.72 -5.07
CA LYS D 3 -27.91 -8.70 -4.21
C LYS D 3 -28.13 -8.08 -2.83
N ARG D 4 -29.38 -7.84 -2.45
CA ARG D 4 -29.64 -7.28 -1.14
C ARG D 4 -29.24 -8.26 -0.05
N ARG D 5 -28.58 -7.74 0.99
CA ARG D 5 -28.05 -8.55 2.08
C ARG D 5 -28.89 -8.40 3.34
N ALA D 6 -28.72 -9.34 4.26
CA ALA D 6 -29.38 -9.25 5.55
C ALA D 6 -28.85 -8.08 6.36
N ILE D 7 -27.53 -7.96 6.45
CA ILE D 7 -26.91 -6.83 7.13
C ILE D 7 -26.93 -5.62 6.20
N SER D 8 -27.40 -4.48 6.71
CA SER D 8 -27.57 -3.31 5.88
C SER D 8 -26.29 -2.50 5.84
N ALA D 9 -26.09 -1.78 4.74
CA ALA D 9 -24.94 -0.91 4.62
C ALA D 9 -25.05 0.26 5.60
N ILE D 10 -23.89 0.79 5.99
CA ILE D 10 -23.80 1.99 6.81
C ILE D 10 -23.29 3.12 5.92
N ARG D 11 -24.04 4.21 5.85
CA ARG D 11 -23.63 5.32 4.99
C ARG D 11 -24.15 6.64 5.53
N LYS D 12 -23.26 7.61 5.64
CA LYS D 12 -23.61 9.01 5.83
C LYS D 12 -23.46 9.74 4.49
N PHE D 13 -24.31 10.75 4.29
CA PHE D 13 -24.28 11.54 3.06
C PHE D 13 -23.83 12.97 3.35
N PRO D 14 -23.26 13.65 2.36
CA PRO D 14 -23.06 15.10 2.51
C PRO D 14 -24.40 15.81 2.61
N ARG D 15 -24.35 17.07 2.98
CA ARG D 15 -25.58 17.84 3.13
C ARG D 15 -26.38 17.83 1.84
N ASP D 16 -27.70 17.65 1.97
CA ASP D 16 -28.62 17.73 0.84
C ASP D 16 -28.28 16.71 -0.25
N CYS D 17 -27.71 15.57 0.14
CA CYS D 17 -27.47 14.46 -0.77
C CYS D 17 -28.25 13.24 -0.31
N GLY D 18 -28.42 12.29 -1.23
CA GLY D 18 -29.14 11.07 -0.94
C GLY D 18 -30.30 10.83 -1.88
#